data_4P29
#
_entry.id   4P29
#
_cell.length_a   48.030
_cell.length_b   51.180
_cell.length_c   198.610
_cell.angle_alpha   90.000
_cell.angle_beta   90.000
_cell.angle_gamma   90.000
#
_symmetry.space_group_name_H-M   'P 21 21 21'
#
loop_
_entity.id
_entity.type
_entity.pdbx_description
1 polymer LpoA
2 non-polymer 'SULFATE ION'
3 non-polymer GLYCEROL
4 non-polymer 'CHLORIDE ION'
5 water water
#
_entity_poly.entity_id   1
_entity_poly.type   'polypeptide(L)'
_entity_poly.pdbx_seq_one_letter_code
;(MSE)ANFTQTLQKDANASSEFYINKLGQTQELEDQQTYKLLAARVLIRENKVEQSAALLRELGELNDAQKLDRALIEAR
ISAAKNANEVAQNQLRALDLNKLSPSQKSRYYETLAIVAENRKD(MSE)IEAVKARIE(MSE)DKNLTDVQRHQDNIDKT
WALLRSANTGVINNASDEGNAALGGWLTLIKAYNDYIRQPVQLSQALQSWKNAYPNHAAATLFPKELLTLLNFQQVEHHH
HHH
;
_entity_poly.pdbx_strand_id   A,B
#
loop_
_chem_comp.id
_chem_comp.type
_chem_comp.name
_chem_comp.formula
CL non-polymer 'CHLORIDE ION' 'Cl -1'
GOL non-polymer GLYCEROL 'C3 H8 O3'
SO4 non-polymer 'SULFATE ION' 'O4 S -2'
#
# COMPACT_ATOMS: atom_id res chain seq x y z
N ASN A 3 -13.70 -9.31 -20.92
CA ASN A 3 -13.92 -9.26 -19.49
C ASN A 3 -12.67 -9.67 -18.72
N PHE A 4 -12.06 -8.72 -18.01
CA PHE A 4 -10.89 -9.01 -17.20
C PHE A 4 -11.28 -9.86 -15.99
N THR A 5 -12.55 -9.80 -15.61
CA THR A 5 -13.05 -10.54 -14.46
C THR A 5 -12.97 -12.04 -14.70
N GLN A 6 -12.97 -12.46 -15.96
CA GLN A 6 -12.89 -13.88 -16.28
C GLN A 6 -11.52 -14.46 -15.91
N THR A 7 -10.54 -13.60 -15.73
CA THR A 7 -9.20 -14.03 -15.29
C THR A 7 -9.28 -14.88 -14.02
N LEU A 8 -10.26 -14.59 -13.17
CA LEU A 8 -10.45 -15.34 -11.93
C LEU A 8 -10.71 -16.83 -12.18
N GLN A 9 -11.33 -17.13 -13.31
CA GLN A 9 -11.69 -18.52 -13.64
C GLN A 9 -10.50 -19.36 -14.09
N LYS A 10 -9.34 -18.72 -14.23
CA LYS A 10 -8.14 -19.42 -14.65
C LYS A 10 -7.15 -19.47 -13.49
N ASP A 11 -6.09 -20.26 -13.67
CA ASP A 11 -5.02 -20.36 -12.69
C ASP A 11 -4.29 -19.02 -12.52
N ALA A 12 -3.86 -18.74 -11.30
CA ALA A 12 -3.05 -17.55 -11.02
C ALA A 12 -1.58 -17.93 -10.95
N ASN A 13 -0.83 -17.60 -12.00
CA ASN A 13 0.56 -18.02 -12.09
C ASN A 13 1.55 -16.98 -11.59
N ALA A 14 1.14 -15.72 -11.52
CA ALA A 14 2.03 -14.66 -11.05
C ALA A 14 2.10 -14.65 -9.53
N SER A 15 2.94 -13.77 -9.00
CA SER A 15 3.11 -13.64 -7.56
C SER A 15 2.17 -12.60 -7.00
N SER A 16 2.06 -12.55 -5.68
CA SER A 16 1.20 -11.57 -5.02
C SER A 16 1.72 -10.16 -5.23
N GLU A 17 3.04 -10.01 -5.28
CA GLU A 17 3.65 -8.71 -5.53
C GLU A 17 3.23 -8.17 -6.89
N PHE A 18 3.15 -9.05 -7.88
CA PHE A 18 2.72 -8.67 -9.22
C PHE A 18 1.31 -8.12 -9.22
N TYR A 19 0.38 -8.87 -8.62
CA TYR A 19 -1.02 -8.47 -8.60
C TYR A 19 -1.19 -7.21 -7.78
N ILE A 20 -0.50 -7.16 -6.65
CA ILE A 20 -0.60 -6.01 -5.76
C ILE A 20 -0.02 -4.76 -6.42
N ASN A 21 1.02 -4.92 -7.22
CA ASN A 21 1.61 -3.80 -7.94
C ASN A 21 0.71 -3.28 -9.06
N LYS A 22 -0.14 -4.14 -9.59
CA LYS A 22 -1.06 -3.75 -10.64
C LYS A 22 -2.22 -2.89 -10.09
N LEU A 23 -2.35 -2.83 -8.76
CA LEU A 23 -3.42 -2.06 -8.13
C LEU A 23 -3.26 -0.57 -8.37
N GLY A 24 -2.12 -0.02 -7.96
CA GLY A 24 -1.84 1.39 -8.17
C GLY A 24 -1.40 1.69 -9.59
N GLN A 25 -2.10 1.08 -10.55
CA GLN A 25 -1.78 1.26 -11.96
C GLN A 25 -3.02 1.03 -12.83
N THR A 26 -4.18 0.92 -12.19
CA THR A 26 -5.44 0.68 -12.91
C THR A 26 -6.48 1.68 -12.42
N GLN A 27 -7.33 2.13 -13.34
CA GLN A 27 -8.28 3.20 -13.04
C GLN A 27 -9.64 2.66 -12.62
N GLU A 28 -9.99 1.48 -13.11
CA GLU A 28 -11.33 0.93 -12.92
C GLU A 28 -11.50 0.18 -11.59
N LEU A 29 -12.58 0.49 -10.87
CA LEU A 29 -12.86 -0.15 -9.58
C LEU A 29 -13.05 -1.65 -9.73
N GLU A 30 -13.81 -2.06 -10.74
CA GLU A 30 -14.14 -3.46 -10.95
C GLU A 30 -12.86 -4.30 -11.07
N ASP A 31 -11.92 -3.81 -11.87
CA ASP A 31 -10.67 -4.52 -12.08
C ASP A 31 -9.79 -4.47 -10.84
N GLN A 32 -9.89 -3.40 -10.06
CA GLN A 32 -9.14 -3.30 -8.81
C GLN A 32 -9.50 -4.45 -7.88
N GLN A 33 -10.78 -4.82 -7.83
CA GLN A 33 -11.24 -5.89 -6.95
C GLN A 33 -10.71 -7.25 -7.46
N THR A 34 -10.64 -7.40 -8.78
CA THR A 34 -10.14 -8.63 -9.37
C THR A 34 -8.68 -8.85 -8.99
N TYR A 35 -7.88 -7.79 -9.06
CA TYR A 35 -6.47 -7.89 -8.69
C TYR A 35 -6.30 -8.24 -7.22
N LYS A 36 -7.16 -7.68 -6.37
CA LYS A 36 -7.12 -7.97 -4.94
CA LYS A 36 -7.08 -7.98 -4.94
C LYS A 36 -7.39 -9.45 -4.70
N LEU A 37 -8.37 -9.99 -5.43
CA LEU A 37 -8.75 -11.39 -5.28
C LEU A 37 -7.65 -12.31 -5.78
N LEU A 38 -7.04 -11.95 -6.91
CA LEU A 38 -5.92 -12.70 -7.45
C LEU A 38 -4.78 -12.71 -6.44
N ALA A 39 -4.47 -11.54 -5.89
CA ALA A 39 -3.44 -11.42 -4.87
C ALA A 39 -3.75 -12.25 -3.62
N ALA A 40 -5.01 -12.23 -3.17
CA ALA A 40 -5.39 -12.98 -1.99
C ALA A 40 -5.22 -14.48 -2.19
N ARG A 41 -5.55 -14.95 -3.38
CA ARG A 41 -5.43 -16.36 -3.69
C ARG A 41 -3.97 -16.81 -3.54
N VAL A 42 -3.06 -16.01 -4.07
CA VAL A 42 -1.65 -16.38 -4.09
C VAL A 42 -0.98 -16.14 -2.74
N LEU A 43 -1.49 -15.21 -1.95
CA LEU A 43 -0.93 -14.93 -0.64
C LEU A 43 -0.96 -16.20 0.22
N ILE A 44 -2.02 -16.99 0.07
CA ILE A 44 -2.09 -18.27 0.75
C ILE A 44 -0.93 -19.17 0.32
N ARG A 45 -0.70 -19.23 -0.98
CA ARG A 45 0.44 -19.97 -1.53
C ARG A 45 1.75 -19.52 -0.89
N GLU A 46 1.88 -18.22 -0.67
CA GLU A 46 3.10 -17.67 -0.08
C GLU A 46 3.10 -17.82 1.44
N ASN A 47 2.20 -18.65 1.96
CA ASN A 47 2.13 -18.92 3.39
C ASN A 47 1.84 -17.65 4.18
N LYS A 48 0.97 -16.81 3.62
CA LYS A 48 0.59 -15.55 4.26
C LYS A 48 -0.93 -15.47 4.42
N VAL A 49 -1.45 -16.32 5.31
CA VAL A 49 -2.89 -16.43 5.53
C VAL A 49 -3.50 -15.13 6.04
N GLU A 50 -2.87 -14.51 7.03
CA GLU A 50 -3.43 -13.29 7.60
C GLU A 50 -3.45 -12.15 6.57
N GLN A 51 -2.41 -12.03 5.76
CA GLN A 51 -2.41 -11.04 4.70
C GLN A 51 -3.52 -11.30 3.70
N SER A 52 -3.76 -12.57 3.39
CA SER A 52 -4.84 -12.93 2.47
C SER A 52 -6.18 -12.45 3.03
N ALA A 53 -6.43 -12.78 4.29
CA ALA A 53 -7.69 -12.45 4.93
C ALA A 53 -7.87 -10.94 5.00
N ALA A 54 -6.77 -10.24 5.26
CA ALA A 54 -6.79 -8.79 5.38
C ALA A 54 -7.19 -8.15 4.05
N LEU A 55 -6.66 -8.69 2.96
CA LEU A 55 -6.94 -8.15 1.65
C LEU A 55 -8.41 -8.34 1.25
N LEU A 56 -8.98 -9.48 1.61
CA LEU A 56 -10.41 -9.71 1.36
C LEU A 56 -11.27 -8.68 2.05
N ARG A 57 -10.90 -8.31 3.28
CA ARG A 57 -11.73 -7.41 4.08
C ARG A 57 -11.79 -5.99 3.51
N GLU A 58 -10.84 -5.62 2.65
CA GLU A 58 -10.87 -4.28 2.08
C GLU A 58 -11.30 -4.31 0.62
N LEU A 59 -12.02 -5.35 0.24
CA LEU A 59 -12.67 -5.40 -1.07
C LEU A 59 -13.81 -4.39 -1.12
N GLY A 60 -14.08 -3.86 -2.29
CA GLY A 60 -15.21 -2.97 -2.49
C GLY A 60 -16.43 -3.73 -2.97
N GLU A 61 -17.23 -3.08 -3.81
CA GLU A 61 -18.40 -3.69 -4.39
C GLU A 61 -17.99 -4.78 -5.36
N LEU A 62 -18.66 -5.92 -5.31
CA LEU A 62 -18.29 -7.07 -6.12
C LEU A 62 -19.44 -7.55 -6.99
N ASN A 63 -19.13 -7.96 -8.21
CA ASN A 63 -20.12 -8.61 -9.07
C ASN A 63 -20.26 -10.10 -8.70
N ASP A 64 -21.19 -10.77 -9.34
CA ASP A 64 -21.50 -12.17 -9.01
C ASP A 64 -20.28 -13.07 -9.14
N ALA A 65 -19.49 -12.88 -10.20
CA ALA A 65 -18.31 -13.71 -10.46
C ALA A 65 -17.24 -13.49 -9.39
N GLN A 66 -17.08 -12.24 -8.96
CA GLN A 66 -16.11 -11.89 -7.94
C GLN A 66 -16.51 -12.43 -6.57
N LYS A 67 -17.80 -12.45 -6.29
CA LYS A 67 -18.31 -13.03 -5.03
C LYS A 67 -18.02 -14.53 -4.98
N LEU A 68 -18.05 -15.16 -6.14
CA LEU A 68 -17.83 -16.61 -6.23
C LEU A 68 -16.39 -16.94 -5.87
N ASP A 69 -15.45 -16.16 -6.40
CA ASP A 69 -14.05 -16.40 -6.11
C ASP A 69 -13.68 -15.99 -4.69
N ARG A 70 -14.34 -14.96 -4.14
CA ARG A 70 -14.08 -14.57 -2.77
C ARG A 70 -14.43 -15.72 -1.85
N ALA A 71 -15.59 -16.31 -2.09
CA ALA A 71 -16.08 -17.45 -1.31
C ALA A 71 -15.09 -18.62 -1.30
N LEU A 72 -14.49 -18.90 -2.46
CA LEU A 72 -13.49 -19.95 -2.56
C LEU A 72 -12.26 -19.66 -1.72
N ILE A 73 -11.78 -18.42 -1.77
CA ILE A 73 -10.59 -18.03 -0.99
C ILE A 73 -10.90 -18.06 0.51
N GLU A 74 -12.06 -17.55 0.89
CA GLU A 74 -12.50 -17.61 2.27
C GLU A 74 -12.46 -19.04 2.81
N ALA A 75 -12.98 -20.00 2.03
CA ALA A 75 -12.98 -21.38 2.48
C ALA A 75 -11.57 -21.89 2.66
N ARG A 76 -10.67 -21.50 1.76
CA ARG A 76 -9.29 -21.94 1.83
C ARG A 76 -8.58 -21.34 3.06
N ILE A 77 -8.91 -20.10 3.39
CA ILE A 77 -8.37 -19.47 4.59
C ILE A 77 -8.85 -20.23 5.82
N SER A 78 -10.14 -20.55 5.86
CA SER A 78 -10.70 -21.30 6.99
C SER A 78 -10.03 -22.66 7.18
N ALA A 79 -9.77 -23.35 6.07
CA ALA A 79 -9.04 -24.63 6.13
C ALA A 79 -7.63 -24.43 6.69
N ALA A 80 -6.98 -23.35 6.28
CA ALA A 80 -5.63 -23.05 6.76
C ALA A 80 -5.57 -22.78 8.27
N LYS A 81 -6.65 -22.22 8.83
CA LYS A 81 -6.72 -21.94 10.26
C LYS A 81 -7.36 -23.08 11.05
N ASN A 82 -7.64 -24.18 10.36
CA ASN A 82 -8.24 -25.36 10.97
C ASN A 82 -9.66 -25.13 11.47
N ALA A 83 -10.34 -24.16 10.86
CA ALA A 83 -11.77 -23.99 11.08
C ALA A 83 -12.51 -24.90 10.10
N ASN A 84 -12.53 -26.18 10.41
CA ASN A 84 -12.92 -27.19 9.43
C ASN A 84 -14.40 -27.21 9.09
N GLU A 85 -15.26 -27.04 10.09
CA GLU A 85 -16.69 -27.03 9.82
C GLU A 85 -17.06 -25.75 9.06
N VAL A 86 -16.41 -24.64 9.41
CA VAL A 86 -16.60 -23.39 8.68
C VAL A 86 -16.23 -23.58 7.20
N ALA A 87 -15.01 -24.06 6.96
CA ALA A 87 -14.54 -24.27 5.60
C ALA A 87 -15.49 -25.18 4.84
N GLN A 88 -15.92 -26.25 5.49
N GLN A 88 -15.91 -26.26 5.50
CA GLN A 88 -16.83 -27.23 4.91
CA GLN A 88 -16.84 -27.23 4.92
C GLN A 88 -18.14 -26.58 4.45
C GLN A 88 -18.14 -26.58 4.45
N ASN A 89 -18.73 -25.73 5.29
CA ASN A 89 -20.00 -25.10 4.94
C ASN A 89 -19.83 -23.95 3.96
N GLN A 90 -18.67 -23.30 3.98
CA GLN A 90 -18.37 -22.30 2.96
C GLN A 90 -18.30 -22.95 1.57
N LEU A 91 -17.73 -24.16 1.48
CA LEU A 91 -17.72 -24.89 0.21
C LEU A 91 -19.11 -25.34 -0.17
N ARG A 92 -19.88 -25.84 0.80
CA ARG A 92 -21.22 -26.33 0.51
C ARG A 92 -22.19 -25.23 0.12
N ALA A 93 -21.91 -24.01 0.58
CA ALA A 93 -22.73 -22.86 0.21
C ALA A 93 -22.50 -22.44 -1.25
N LEU A 94 -21.47 -23.00 -1.88
CA LEU A 94 -21.17 -22.70 -3.27
C LEU A 94 -21.90 -23.62 -4.23
N ASP A 95 -22.29 -23.09 -5.39
CA ASP A 95 -22.85 -23.90 -6.46
C ASP A 95 -21.72 -24.43 -7.34
N LEU A 96 -21.47 -25.73 -7.24
CA LEU A 96 -20.36 -26.36 -7.93
C LEU A 96 -20.44 -26.20 -9.45
N ASN A 97 -21.67 -26.12 -9.99
CA ASN A 97 -21.90 -26.05 -11.43
C ASN A 97 -21.47 -24.72 -12.04
N LYS A 98 -21.30 -23.70 -11.19
CA LYS A 98 -20.96 -22.37 -11.69
C LYS A 98 -19.46 -22.14 -11.70
N LEU A 99 -18.69 -23.11 -11.21
CA LEU A 99 -17.25 -22.96 -11.10
C LEU A 99 -16.58 -23.45 -12.36
N SER A 100 -15.53 -22.74 -12.77
CA SER A 100 -14.69 -23.19 -13.86
C SER A 100 -13.88 -24.42 -13.42
N PRO A 101 -13.10 -25.02 -14.33
CA PRO A 101 -12.27 -26.17 -13.94
C PRO A 101 -11.21 -25.81 -12.91
N SER A 102 -10.55 -24.66 -13.09
CA SER A 102 -9.55 -24.20 -12.13
C SER A 102 -10.18 -23.94 -10.76
N GLN A 103 -11.40 -23.40 -10.76
CA GLN A 103 -12.07 -23.09 -9.50
C GLN A 103 -12.51 -24.38 -8.81
N LYS A 104 -12.98 -25.34 -9.60
CA LYS A 104 -13.32 -26.65 -9.06
C LYS A 104 -12.10 -27.33 -8.44
N SER A 105 -10.94 -27.21 -9.07
CA SER A 105 -9.73 -27.79 -8.49
C SER A 105 -9.39 -27.12 -7.13
N ARG A 106 -9.62 -25.82 -7.02
CA ARG A 106 -9.39 -25.11 -5.77
C ARG A 106 -10.40 -25.55 -4.72
N TYR A 107 -11.63 -25.74 -5.16
CA TYR A 107 -12.70 -26.28 -4.32
C TYR A 107 -12.32 -27.64 -3.71
N TYR A 108 -11.88 -28.58 -4.53
CA TYR A 108 -11.58 -29.93 -4.05
C TYR A 108 -10.30 -29.96 -3.24
N GLU A 109 -9.33 -29.12 -3.62
CA GLU A 109 -8.12 -28.98 -2.81
C GLU A 109 -8.46 -28.57 -1.38
N THR A 110 -9.39 -27.64 -1.23
CA THR A 110 -9.81 -27.18 0.09
C THR A 110 -10.47 -28.32 0.85
N LEU A 111 -11.33 -29.07 0.16
CA LEU A 111 -11.97 -30.24 0.76
C LEU A 111 -10.91 -31.24 1.25
N ALA A 112 -9.86 -31.42 0.44
CA ALA A 112 -8.78 -32.34 0.77
C ALA A 112 -8.02 -31.89 2.01
N ILE A 113 -7.76 -30.59 2.09
CA ILE A 113 -7.07 -30.03 3.25
C ILE A 113 -7.90 -30.22 4.51
N VAL A 114 -9.20 -29.97 4.41
CA VAL A 114 -10.09 -30.17 5.54
C VAL A 114 -10.03 -31.62 6.01
N ALA A 115 -10.15 -32.55 5.06
CA ALA A 115 -10.10 -33.98 5.39
C ALA A 115 -8.77 -34.31 6.07
N GLU A 116 -7.68 -33.82 5.50
CA GLU A 116 -6.35 -34.08 6.07
C GLU A 116 -6.21 -33.47 7.47
N ASN A 117 -6.74 -32.26 7.67
CA ASN A 117 -6.76 -31.64 9.01
C ASN A 117 -7.42 -32.55 10.02
N ARG A 118 -8.52 -33.16 9.60
CA ARG A 118 -9.29 -34.05 10.45
C ARG A 118 -8.67 -35.46 10.49
N LYS A 119 -7.56 -35.64 9.79
CA LYS A 119 -6.86 -36.92 9.74
C LYS A 119 -7.69 -38.05 9.11
N ASP A 120 -8.58 -37.70 8.19
CA ASP A 120 -9.27 -38.70 7.38
C ASP A 120 -8.54 -38.80 6.04
N MSE A 121 -7.47 -39.59 6.03
N MSE A 121 -7.47 -39.58 6.02
CA MSE A 121 -6.58 -39.66 4.88
CA MSE A 121 -6.58 -39.61 4.87
C MSE A 121 -7.28 -40.15 3.62
C MSE A 121 -7.28 -40.14 3.61
O MSE A 121 -7.02 -39.64 2.53
O MSE A 121 -7.02 -39.65 2.51
CB MSE A 121 -5.39 -40.58 5.20
CB MSE A 121 -5.35 -40.46 5.17
CG MSE A 121 -4.48 -40.04 6.31
CG MSE A 121 -4.61 -40.04 6.44
SE MSE A 121 -4.05 -41.36 7.69
SE MSE A 121 -4.04 -38.16 6.46
CE MSE A 121 -3.02 -40.22 8.89
CE MSE A 121 -3.31 -38.10 8.27
H MSE A 121 -7.25 -40.10 6.69
H MSE A 121 -7.24 -40.11 6.66
HA MSE A 121 -6.22 -38.77 4.72
HA MSE A 121 -6.28 -38.71 4.69
HB2 MSE A 121 -5.73 -41.43 5.49
HB2 MSE A 121 -5.62 -41.38 5.29
HB3 MSE A 121 -4.85 -40.68 4.40
HB3 MSE A 121 -4.73 -40.39 4.43
HG2 MSE A 121 -3.65 -39.75 5.91
HG2 MSE A 121 -5.19 -40.17 7.20
HG3 MSE A 121 -4.92 -39.29 6.75
HG3 MSE A 121 -3.81 -40.59 6.52
HE1 MSE A 121 -2.73 -40.75 9.65
HE1 MSE A 121 -2.98 -37.21 8.45
HE2 MSE A 121 -2.25 -39.86 8.42
HE2 MSE A 121 -4.02 -38.32 8.90
HE3 MSE A 121 -3.59 -39.49 9.20
HE3 MSE A 121 -2.59 -38.75 8.35
N ILE A 122 -8.17 -41.12 3.76
CA ILE A 122 -8.88 -41.67 2.61
C ILE A 122 -9.87 -40.66 2.03
N GLU A 123 -10.55 -39.90 2.89
CA GLU A 123 -11.42 -38.86 2.37
C GLU A 123 -10.60 -37.78 1.67
N ALA A 124 -9.41 -37.48 2.21
CA ALA A 124 -8.52 -36.52 1.56
C ALA A 124 -8.09 -37.01 0.18
N VAL A 125 -7.74 -38.30 0.07
CA VAL A 125 -7.36 -38.88 -1.22
C VAL A 125 -8.51 -38.78 -2.22
N LYS A 126 -9.71 -39.13 -1.78
CA LYS A 126 -10.91 -39.01 -2.62
C LYS A 126 -11.11 -37.60 -3.15
N ALA A 127 -10.90 -36.60 -2.30
CA ALA A 127 -11.05 -35.21 -2.72
C ALA A 127 -10.01 -34.88 -3.77
N ARG A 128 -8.80 -35.38 -3.58
CA ARG A 128 -7.70 -35.10 -4.51
C ARG A 128 -7.88 -35.85 -5.83
N ILE A 129 -8.57 -36.98 -5.80
CA ILE A 129 -8.97 -37.64 -7.03
C ILE A 129 -9.93 -36.76 -7.82
N GLU A 130 -10.91 -36.16 -7.15
CA GLU A 130 -11.81 -35.22 -7.82
C GLU A 130 -11.05 -33.98 -8.30
N MSE A 131 -10.12 -33.48 -7.50
CA MSE A 131 -9.30 -32.34 -7.90
C MSE A 131 -8.57 -32.65 -9.21
O MSE A 131 -8.57 -31.83 -10.13
CB MSE A 131 -8.29 -31.99 -6.81
CG MSE A 131 -7.44 -30.78 -7.13
SE MSE A 131 -5.99 -30.52 -5.90
CE MSE A 131 -5.35 -28.81 -6.58
H MSE A 131 -9.96 -33.78 -6.70
HA MSE A 131 -9.87 -31.56 -8.03
HB2 MSE A 131 -8.75 -31.82 -5.99
HB3 MSE A 131 -7.69 -32.75 -6.69
HG2 MSE A 131 -7.07 -30.87 -8.03
HG3 MSE A 131 -8.01 -29.98 -7.10
HE1 MSE A 131 -4.58 -28.53 -6.05
HE2 MSE A 131 -5.09 -28.92 -7.51
HE3 MSE A 131 -6.07 -28.16 -6.51
N ASP A 132 -7.95 -33.81 -9.27
CA ASP A 132 -7.15 -34.16 -10.44
C ASP A 132 -7.98 -34.15 -11.73
N LYS A 133 -9.26 -34.50 -11.65
CA LYS A 133 -10.14 -34.48 -12.83
C LYS A 133 -10.33 -33.07 -13.42
N ASN A 134 -10.05 -32.03 -12.63
CA ASN A 134 -10.29 -30.66 -13.05
C ASN A 134 -9.02 -29.87 -13.32
N LEU A 135 -7.86 -30.50 -13.11
CA LEU A 135 -6.59 -29.87 -13.37
C LEU A 135 -6.21 -30.04 -14.84
N THR A 136 -5.35 -29.14 -15.33
CA THR A 136 -4.92 -29.18 -16.73
C THR A 136 -3.41 -28.93 -16.86
N ASP A 137 -2.82 -28.29 -15.85
CA ASP A 137 -1.39 -27.99 -15.85
C ASP A 137 -0.57 -29.17 -15.33
N VAL A 138 0.49 -29.55 -16.05
CA VAL A 138 1.30 -30.70 -15.70
C VAL A 138 1.91 -30.56 -14.30
N GLN A 139 2.43 -29.38 -14.01
CA GLN A 139 3.07 -29.13 -12.72
C GLN A 139 2.07 -29.26 -11.57
N ARG A 140 0.85 -28.74 -11.78
CA ARG A 140 -0.20 -28.88 -10.78
C ARG A 140 -0.68 -30.33 -10.67
N HIS A 141 -0.72 -31.04 -11.79
CA HIS A 141 -1.01 -32.48 -11.76
C HIS A 141 0.01 -33.19 -10.91
N GLN A 142 1.30 -32.96 -11.20
CA GLN A 142 2.37 -33.63 -10.48
C GLN A 142 2.30 -33.34 -8.97
N ASP A 143 2.05 -32.09 -8.60
CA ASP A 143 2.00 -31.71 -7.19
C ASP A 143 0.88 -32.46 -6.45
N ASN A 144 -0.29 -32.56 -7.08
CA ASN A 144 -1.43 -33.25 -6.48
C ASN A 144 -1.16 -34.76 -6.40
N ILE A 145 -0.53 -35.32 -7.42
CA ILE A 145 -0.15 -36.73 -7.39
C ILE A 145 0.79 -36.98 -6.21
N ASP A 146 1.79 -36.12 -6.03
CA ASP A 146 2.74 -36.26 -4.94
C ASP A 146 2.07 -36.08 -3.57
N LYS A 147 1.11 -35.13 -3.46
CA LYS A 147 0.35 -34.94 -2.23
C LYS A 147 -0.58 -36.10 -1.93
N THR A 148 -1.21 -36.65 -2.97
CA THR A 148 -2.07 -37.82 -2.80
C THR A 148 -1.23 -39.00 -2.29
N TRP A 149 -0.07 -39.21 -2.90
CA TRP A 149 0.82 -40.29 -2.49
C TRP A 149 1.27 -40.15 -1.04
N ALA A 150 1.60 -38.91 -0.63
CA ALA A 150 1.99 -38.64 0.75
C ALA A 150 0.88 -38.99 1.74
N LEU A 151 -0.35 -38.66 1.39
CA LEU A 151 -1.49 -39.04 2.23
C LEU A 151 -1.57 -40.58 2.42
N LEU A 152 -1.48 -41.31 1.32
CA LEU A 152 -1.51 -42.78 1.39
C LEU A 152 -0.36 -43.33 2.20
N ARG A 153 0.81 -42.71 2.07
CA ARG A 153 1.98 -43.11 2.85
C ARG A 153 1.79 -42.83 4.35
N SER A 154 1.01 -41.80 4.68
CA SER A 154 0.82 -41.44 6.09
C SER A 154 -0.16 -42.41 6.79
N ALA A 155 -0.94 -43.16 6.02
CA ALA A 155 -1.96 -44.04 6.61
C ALA A 155 -1.40 -45.37 7.14
N ASN A 156 -1.97 -45.83 8.26
CA ASN A 156 -1.65 -47.13 8.83
C ASN A 156 -1.93 -48.26 7.84
N THR A 157 -1.10 -49.30 7.88
CA THR A 157 -1.28 -50.45 7.01
C THR A 157 -2.67 -51.04 7.19
N GLY A 158 -3.19 -50.94 8.41
CA GLY A 158 -4.54 -51.39 8.70
C GLY A 158 -5.59 -50.61 7.93
N VAL A 159 -5.51 -49.29 8.01
CA VAL A 159 -6.43 -48.42 7.28
C VAL A 159 -6.44 -48.73 5.79
N ILE A 160 -5.25 -48.89 5.21
CA ILE A 160 -5.11 -49.20 3.80
C ILE A 160 -5.77 -50.53 3.45
N ASN A 161 -5.56 -51.54 4.27
CA ASN A 161 -6.04 -52.89 3.99
C ASN A 161 -7.55 -53.03 4.15
N ASN A 162 -8.11 -52.27 5.09
CA ASN A 162 -9.54 -52.32 5.34
C ASN A 162 -10.36 -51.43 4.39
N ALA A 163 -9.68 -50.48 3.74
CA ALA A 163 -10.36 -49.51 2.89
C ALA A 163 -10.88 -50.17 1.61
N SER A 164 -12.13 -49.88 1.27
CA SER A 164 -12.69 -50.32 -0.01
C SER A 164 -12.57 -49.19 -1.02
N ASP A 165 -12.61 -49.53 -2.30
CA ASP A 165 -12.53 -48.51 -3.34
C ASP A 165 -13.91 -47.96 -3.68
N GLU A 166 -14.96 -48.66 -3.22
CA GLU A 166 -16.32 -48.16 -3.36
C GLU A 166 -16.73 -48.03 -4.82
N GLY A 167 -16.13 -48.83 -5.70
CA GLY A 167 -16.40 -48.73 -7.12
C GLY A 167 -15.59 -47.63 -7.80
N ASN A 168 -14.94 -46.80 -7.00
CA ASN A 168 -14.07 -45.74 -7.50
C ASN A 168 -12.80 -46.36 -8.08
N ALA A 169 -12.76 -46.46 -9.42
CA ALA A 169 -11.61 -47.07 -10.09
C ALA A 169 -10.30 -46.37 -9.74
N ALA A 170 -10.32 -45.03 -9.74
CA ALA A 170 -9.14 -44.26 -9.40
C ALA A 170 -8.66 -44.61 -7.99
N LEU A 171 -9.61 -44.71 -7.06
CA LEU A 171 -9.26 -45.03 -5.69
C LEU A 171 -8.68 -46.44 -5.63
N GLY A 172 -9.29 -47.36 -6.38
CA GLY A 172 -8.79 -48.72 -6.47
C GLY A 172 -7.33 -48.78 -6.91
N GLY A 173 -7.01 -48.06 -7.98
CA GLY A 173 -5.63 -47.95 -8.44
C GLY A 173 -4.70 -47.43 -7.36
N TRP A 174 -5.09 -46.36 -6.67
CA TRP A 174 -4.23 -45.77 -5.65
C TRP A 174 -3.98 -46.74 -4.50
N LEU A 175 -5.03 -47.45 -4.09
CA LEU A 175 -4.91 -48.36 -2.95
C LEU A 175 -4.03 -49.55 -3.31
N THR A 176 -4.12 -50.01 -4.55
CA THR A 176 -3.30 -51.12 -5.00
C THR A 176 -1.83 -50.69 -5.00
N LEU A 177 -1.58 -49.44 -5.35
CA LEU A 177 -0.20 -48.95 -5.44
C LEU A 177 0.46 -48.84 -4.07
N ILE A 178 -0.23 -48.26 -3.09
CA ILE A 178 0.35 -48.13 -1.75
C ILE A 178 0.51 -49.52 -1.10
N LYS A 179 -0.41 -50.43 -1.39
CA LYS A 179 -0.28 -51.79 -0.91
C LYS A 179 1.00 -52.43 -1.43
N ALA A 180 1.27 -52.26 -2.71
CA ALA A 180 2.49 -52.79 -3.33
C ALA A 180 3.71 -52.24 -2.65
N TYR A 181 3.69 -50.94 -2.36
CA TYR A 181 4.83 -50.30 -1.72
C TYR A 181 5.04 -50.89 -0.33
N ASN A 182 3.96 -50.96 0.44
CA ASN A 182 4.05 -51.46 1.79
C ASN A 182 4.46 -52.93 1.85
N ASP A 183 4.07 -53.71 0.85
CA ASP A 183 4.42 -55.12 0.83
C ASP A 183 5.92 -55.32 0.60
N TYR A 184 6.51 -54.46 -0.23
CA TYR A 184 7.88 -54.73 -0.69
C TYR A 184 8.89 -53.63 -0.39
N ILE A 185 8.55 -52.75 0.55
CA ILE A 185 9.37 -51.58 0.88
C ILE A 185 10.88 -51.84 0.86
N ARG A 186 11.33 -52.80 1.66
CA ARG A 186 12.76 -53.01 1.83
C ARG A 186 13.28 -54.18 0.99
N GLN A 187 12.73 -54.31 -0.21
CA GLN A 187 13.14 -55.32 -1.18
C GLN A 187 13.21 -54.69 -2.57
N PRO A 188 14.31 -53.96 -2.84
CA PRO A 188 14.41 -53.07 -4.02
C PRO A 188 14.04 -53.71 -5.35
N VAL A 189 14.58 -54.90 -5.63
CA VAL A 189 14.33 -55.54 -6.92
C VAL A 189 12.86 -55.94 -7.05
N GLN A 190 12.31 -56.58 -6.03
CA GLN A 190 10.92 -57.00 -6.08
C GLN A 190 9.98 -55.79 -6.11
N LEU A 191 10.31 -54.75 -5.35
CA LEU A 191 9.51 -53.53 -5.34
C LEU A 191 9.47 -52.92 -6.73
N SER A 192 10.64 -52.84 -7.36
CA SER A 192 10.75 -52.23 -8.68
C SER A 192 9.84 -52.94 -9.67
N GLN A 193 9.71 -54.25 -9.53
CA GLN A 193 8.89 -55.02 -10.46
C GLN A 193 7.43 -54.96 -10.08
N ALA A 194 7.15 -54.83 -8.78
CA ALA A 194 5.79 -54.69 -8.30
C ALA A 194 5.21 -53.37 -8.83
N LEU A 195 6.04 -52.34 -8.84
CA LEU A 195 5.64 -51.02 -9.32
C LEU A 195 5.37 -51.03 -10.82
N GLN A 196 6.25 -51.69 -11.58
CA GLN A 196 6.08 -51.77 -13.02
C GLN A 196 4.84 -52.62 -13.36
N SER A 197 4.60 -53.64 -12.55
CA SER A 197 3.44 -54.49 -12.73
C SER A 197 2.14 -53.73 -12.48
N TRP A 198 2.20 -52.83 -11.50
CA TRP A 198 1.05 -51.98 -11.21
C TRP A 198 0.78 -51.09 -12.42
N LYS A 199 1.83 -50.50 -12.97
CA LYS A 199 1.66 -49.63 -14.13
C LYS A 199 1.04 -50.40 -15.29
N ASN A 200 1.46 -51.64 -15.48
CA ASN A 200 0.93 -52.47 -16.56
C ASN A 200 -0.54 -52.76 -16.34
N ALA A 201 -0.94 -52.90 -15.07
CA ALA A 201 -2.34 -53.20 -14.74
C ALA A 201 -3.23 -51.94 -14.75
N TYR A 202 -2.65 -50.78 -14.52
CA TYR A 202 -3.41 -49.53 -14.44
C TYR A 202 -2.83 -48.48 -15.37
N PRO A 203 -2.69 -48.81 -16.66
CA PRO A 203 -1.87 -48.02 -17.60
C PRO A 203 -2.36 -46.60 -17.79
N ASN A 204 -3.65 -46.36 -17.57
CA ASN A 204 -4.22 -45.04 -17.77
C ASN A 204 -4.57 -44.31 -16.47
N HIS A 205 -4.09 -44.82 -15.34
CA HIS A 205 -4.31 -44.17 -14.06
C HIS A 205 -3.46 -42.90 -13.97
N ALA A 206 -3.96 -41.87 -13.27
CA ALA A 206 -3.21 -40.62 -13.14
C ALA A 206 -1.75 -40.89 -12.77
N ALA A 207 -1.55 -41.77 -11.80
CA ALA A 207 -0.22 -42.06 -11.31
C ALA A 207 0.61 -42.90 -12.29
N ALA A 208 -0.05 -43.53 -13.26
CA ALA A 208 0.69 -44.28 -14.28
C ALA A 208 1.41 -43.32 -15.24
N THR A 209 0.76 -42.21 -15.57
CA THR A 209 1.34 -41.24 -16.48
C THR A 209 2.40 -40.40 -15.77
N LEU A 210 2.04 -39.89 -14.59
CA LEU A 210 2.96 -39.13 -13.75
C LEU A 210 3.19 -39.87 -12.44
N PHE A 211 4.26 -40.64 -12.38
CA PHE A 211 4.54 -41.45 -11.21
C PHE A 211 4.94 -40.54 -10.04
N PRO A 212 4.53 -40.89 -8.81
CA PRO A 212 4.98 -40.10 -7.66
C PRO A 212 6.50 -39.99 -7.58
N LYS A 213 6.98 -38.78 -7.29
CA LYS A 213 8.40 -38.47 -7.16
C LYS A 213 9.13 -39.47 -6.27
N GLU A 214 8.53 -39.84 -5.14
CA GLU A 214 9.16 -40.82 -4.25
C GLU A 214 9.39 -42.16 -4.94
N LEU A 215 8.45 -42.58 -5.79
CA LEU A 215 8.55 -43.89 -6.43
C LEU A 215 9.47 -43.88 -7.65
N LEU A 216 9.67 -42.72 -8.25
CA LEU A 216 10.67 -42.57 -9.31
C LEU A 216 12.07 -42.62 -8.71
N THR A 217 12.23 -42.00 -7.54
CA THR A 217 13.51 -41.99 -6.83
C THR A 217 13.98 -43.41 -6.58
N LEU A 218 13.04 -44.34 -6.48
CA LEU A 218 13.35 -45.75 -6.31
C LEU A 218 13.43 -46.45 -7.67
N ASN B 3 30.02 42.87 4.92
CA ASN B 3 28.83 43.66 5.24
C ASN B 3 27.88 42.88 6.13
N PHE B 4 27.17 43.59 7.01
CA PHE B 4 26.31 42.94 7.99
C PHE B 4 24.82 43.12 7.67
N THR B 5 24.49 44.17 6.93
CA THR B 5 23.10 44.42 6.57
C THR B 5 22.58 43.31 5.66
N GLN B 6 23.49 42.61 4.98
CA GLN B 6 23.12 41.51 4.09
C GLN B 6 22.67 40.29 4.87
N THR B 7 22.97 40.26 6.17
CA THR B 7 22.48 39.20 7.06
C THR B 7 20.95 39.06 6.98
N LEU B 8 20.27 40.19 6.73
CA LEU B 8 18.82 40.22 6.61
C LEU B 8 18.33 39.35 5.46
N GLN B 9 19.19 39.16 4.46
CA GLN B 9 18.83 38.39 3.26
C GLN B 9 18.91 36.89 3.47
N LYS B 10 19.40 36.47 4.62
CA LYS B 10 19.55 35.05 4.94
C LYS B 10 18.53 34.67 6.01
N ASP B 11 18.32 33.38 6.20
CA ASP B 11 17.44 32.91 7.26
C ASP B 11 17.93 33.41 8.62
N ALA B 12 17.00 33.68 9.53
CA ALA B 12 17.32 34.09 10.89
C ALA B 12 17.13 32.92 11.85
N ASN B 13 18.20 32.21 12.14
CA ASN B 13 18.11 30.95 12.87
C ASN B 13 18.29 31.05 14.38
N ALA B 14 18.93 32.14 14.84
CA ALA B 14 19.14 32.31 16.27
C ALA B 14 17.85 32.76 16.93
N SER B 15 17.84 32.77 18.26
CA SER B 15 16.65 33.18 19.00
C SER B 15 16.53 34.69 19.03
N SER B 16 15.37 35.18 19.44
CA SER B 16 15.18 36.62 19.58
C SER B 16 16.18 37.17 20.60
N GLU B 17 16.28 36.49 21.74
CA GLU B 17 17.15 36.96 22.83
C GLU B 17 18.62 37.01 22.39
N PHE B 18 19.02 36.12 21.49
CA PHE B 18 20.37 36.17 20.94
C PHE B 18 20.62 37.51 20.25
N TYR B 19 19.78 37.84 19.27
CA TYR B 19 19.92 39.08 18.50
C TYR B 19 19.80 40.29 19.43
N ILE B 20 18.90 40.19 20.41
CA ILE B 20 18.69 41.28 21.37
C ILE B 20 19.94 41.50 22.23
N ASN B 21 20.68 40.42 22.48
CA ASN B 21 21.89 40.49 23.29
C ASN B 21 23.06 41.11 22.53
N LYS B 22 23.06 40.96 21.21
CA LYS B 22 24.07 41.60 20.38
C LYS B 22 23.83 43.10 20.33
N LEU B 23 22.68 43.52 20.84
CA LEU B 23 22.23 44.90 20.74
C LEU B 23 22.79 45.76 21.87
N GLY B 24 22.88 45.19 23.06
CA GLY B 24 23.50 45.87 24.19
C GLY B 24 25.01 45.69 24.16
N GLN B 25 25.53 45.19 23.05
CA GLN B 25 26.93 44.83 22.93
C GLN B 25 27.54 45.37 21.64
N THR B 26 26.84 46.31 21.01
CA THR B 26 27.29 46.87 19.72
C THR B 26 27.29 48.39 19.79
N LEU B 29 25.19 52.20 14.86
CA LEU B 29 23.75 52.45 14.73
C LEU B 29 23.14 51.59 13.64
N GLU B 30 23.81 51.50 12.50
CA GLU B 30 23.27 50.75 11.37
C GLU B 30 23.09 49.29 11.71
N ASP B 31 24.05 48.71 12.42
CA ASP B 31 23.98 47.30 12.79
C ASP B 31 23.00 47.07 13.94
N GLN B 32 22.78 48.11 14.75
CA GLN B 32 21.79 48.03 15.81
C GLN B 32 20.39 47.79 15.25
N GLN B 33 20.05 48.53 14.19
CA GLN B 33 18.74 48.38 13.55
C GLN B 33 18.62 46.98 12.93
N THR B 34 19.71 46.47 12.38
CA THR B 34 19.72 45.15 11.79
C THR B 34 19.39 44.09 12.82
N TYR B 35 20.03 44.16 13.99
CA TYR B 35 19.74 43.20 15.05
C TYR B 35 18.29 43.29 15.52
N LYS B 36 17.76 44.51 15.60
CA LYS B 36 16.35 44.71 15.98
C LYS B 36 15.42 44.05 14.96
N LEU B 37 15.75 44.21 13.67
CA LEU B 37 14.97 43.60 12.62
C LEU B 37 15.04 42.08 12.66
N LEU B 38 16.22 41.54 12.95
CA LEU B 38 16.38 40.10 13.06
C LEU B 38 15.58 39.58 14.25
N ALA B 39 15.67 40.29 15.37
CA ALA B 39 14.90 39.92 16.55
C ALA B 39 13.40 39.97 16.28
N ALA B 40 12.97 40.98 15.55
CA ALA B 40 11.54 41.18 15.31
C ALA B 40 10.98 40.03 14.48
N ARG B 41 11.76 39.57 13.52
CA ARG B 41 11.36 38.47 12.66
C ARG B 41 11.08 37.22 13.49
N VAL B 42 12.03 36.90 14.36
CA VAL B 42 11.96 35.67 15.15
C VAL B 42 10.95 35.76 16.29
N LEU B 43 10.70 36.97 16.78
CA LEU B 43 9.68 37.15 17.81
C LEU B 43 8.35 36.61 17.31
N ILE B 44 8.10 36.75 16.01
CA ILE B 44 6.88 36.22 15.40
C ILE B 44 6.85 34.70 15.51
N ARG B 45 7.95 34.05 15.15
CA ARG B 45 8.09 32.60 15.29
C ARG B 45 7.83 32.15 16.72
N GLU B 46 8.24 32.96 17.68
CA GLU B 46 8.07 32.63 19.10
C GLU B 46 6.67 33.01 19.61
N ASN B 47 5.77 33.32 18.68
CA ASN B 47 4.39 33.66 19.03
C ASN B 47 4.32 34.92 19.88
N LYS B 48 5.16 35.89 19.54
CA LYS B 48 5.19 37.16 20.25
C LYS B 48 5.02 38.30 19.25
N VAL B 49 3.88 38.31 18.58
CA VAL B 49 3.59 39.27 17.52
C VAL B 49 3.59 40.71 18.04
N GLU B 50 3.02 40.91 19.23
CA GLU B 50 2.93 42.26 19.79
C GLU B 50 4.31 42.83 20.08
N GLN B 51 5.20 42.00 20.60
CA GLN B 51 6.58 42.40 20.89
C GLN B 51 7.34 42.70 19.61
N SER B 52 7.12 41.90 18.57
CA SER B 52 7.72 42.16 17.28
C SER B 52 7.33 43.54 16.78
N ALA B 53 6.03 43.83 16.82
CA ALA B 53 5.52 45.09 16.32
C ALA B 53 6.11 46.24 17.14
N ALA B 54 6.23 46.02 18.44
CA ALA B 54 6.75 47.06 19.33
C ALA B 54 8.21 47.34 19.01
N LEU B 55 8.96 46.29 18.70
CA LEU B 55 10.37 46.45 18.37
C LEU B 55 10.55 47.29 17.11
N LEU B 56 9.75 47.00 16.08
CA LEU B 56 9.76 47.78 14.85
C LEU B 56 9.50 49.26 15.11
N ARG B 57 8.60 49.56 16.03
CA ARG B 57 8.25 50.95 16.31
C ARG B 57 9.42 51.75 16.88
N GLU B 58 10.40 51.08 17.48
CA GLU B 58 11.54 51.81 18.06
C GLU B 58 12.77 51.77 17.18
N LEU B 59 12.60 51.38 15.92
CA LEU B 59 13.69 51.43 14.95
C LEU B 59 14.13 52.86 14.71
N GLY B 60 15.43 53.05 14.56
CA GLY B 60 15.96 54.36 14.23
C GLY B 60 15.86 54.63 12.74
N GLU B 61 16.81 55.37 12.21
CA GLU B 61 16.87 55.63 10.77
C GLU B 61 17.28 54.35 10.07
N LEU B 62 16.63 54.06 8.94
CA LEU B 62 16.90 52.81 8.21
C LEU B 62 17.46 53.09 6.82
N ASN B 63 18.30 52.18 6.35
CA ASN B 63 18.73 52.19 4.96
C ASN B 63 17.71 51.44 4.13
N ASP B 64 17.85 51.50 2.81
CA ASP B 64 16.85 50.94 1.92
C ASP B 64 16.68 49.42 2.12
N ALA B 65 17.77 48.72 2.40
CA ALA B 65 17.69 47.28 2.60
C ALA B 65 16.93 46.94 3.88
N GLN B 66 17.06 47.80 4.89
CA GLN B 66 16.37 47.58 6.15
C GLN B 66 14.89 47.90 6.01
N LYS B 67 14.57 48.92 5.22
CA LYS B 67 13.17 49.26 4.97
C LYS B 67 12.49 48.08 4.28
N LEU B 68 13.21 47.45 3.37
CA LEU B 68 12.68 46.31 2.63
C LEU B 68 12.31 45.17 3.60
N ASP B 69 13.21 44.87 4.51
CA ASP B 69 12.97 43.78 5.46
C ASP B 69 11.91 44.14 6.49
N ARG B 70 11.85 45.42 6.91
CA ARG B 70 10.80 45.87 7.81
C ARG B 70 9.43 45.60 7.20
N ALA B 71 9.32 45.89 5.90
CA ALA B 71 8.06 45.71 5.19
C ALA B 71 7.59 44.27 5.22
N LEU B 72 8.53 43.34 5.05
CA LEU B 72 8.19 41.93 5.07
C LEU B 72 7.67 41.51 6.43
N ILE B 73 8.30 42.02 7.48
CA ILE B 73 7.87 41.71 8.84
C ILE B 73 6.49 42.32 9.13
N GLU B 74 6.29 43.56 8.70
CA GLU B 74 5.00 44.22 8.90
C GLU B 74 3.87 43.45 8.20
N ALA B 75 4.11 42.97 6.98
CA ALA B 75 3.12 42.16 6.28
C ALA B 75 2.78 40.90 7.08
N ARG B 76 3.82 40.25 7.59
CA ARG B 76 3.64 39.02 8.37
C ARG B 76 2.83 39.27 9.64
N ILE B 77 3.10 40.38 10.31
CA ILE B 77 2.33 40.78 11.48
C ILE B 77 0.87 41.02 11.12
N SER B 78 0.63 41.73 10.02
CA SER B 78 -0.75 41.95 9.56
C SER B 78 -1.48 40.63 9.30
N ALA B 79 -0.80 39.67 8.67
CA ALA B 79 -1.38 38.35 8.41
C ALA B 79 -1.72 37.64 9.72
N ALA B 80 -0.79 37.66 10.67
CA ALA B 80 -1.02 37.04 11.97
C ALA B 80 -2.28 37.62 12.63
N LYS B 81 -2.49 38.92 12.46
CA LYS B 81 -3.63 39.61 13.08
C LYS B 81 -4.91 39.51 12.25
N ASN B 82 -4.84 38.78 11.14
CA ASN B 82 -5.97 38.64 10.23
C ASN B 82 -6.38 39.94 9.54
N ALA B 83 -5.45 40.87 9.45
CA ALA B 83 -5.67 42.07 8.65
C ALA B 83 -5.26 41.77 7.21
N ASN B 84 -6.13 41.06 6.48
CA ASN B 84 -5.73 40.40 5.25
C ASN B 84 -5.54 41.33 4.06
N GLU B 85 -6.42 42.30 3.89
CA GLU B 85 -6.24 43.25 2.79
C GLU B 85 -5.05 44.17 3.06
N VAL B 86 -4.77 44.46 4.33
CA VAL B 86 -3.57 45.20 4.70
C VAL B 86 -2.32 44.40 4.30
N ALA B 87 -2.26 43.14 4.74
CA ALA B 87 -1.12 42.29 4.43
C ALA B 87 -0.91 42.16 2.92
N GLN B 88 -2.00 41.91 2.20
CA GLN B 88 -1.98 41.80 0.75
C GLN B 88 -1.35 43.02 0.08
N ASN B 89 -1.82 44.21 0.44
CA ASN B 89 -1.28 45.43 -0.15
C ASN B 89 0.13 45.75 0.33
N GLN B 90 0.46 45.40 1.58
CA GLN B 90 1.83 45.54 2.03
C GLN B 90 2.78 44.68 1.17
N LEU B 91 2.35 43.48 0.80
CA LEU B 91 3.17 42.64 -0.08
C LEU B 91 3.22 43.21 -1.51
N ARG B 92 2.08 43.69 -2.00
CA ARG B 92 1.99 44.30 -3.34
C ARG B 92 2.92 45.50 -3.46
N ALA B 93 3.16 46.19 -2.34
CA ALA B 93 4.00 47.37 -2.36
C ALA B 93 5.48 47.00 -2.40
N LEU B 94 5.78 45.71 -2.29
CA LEU B 94 7.15 45.21 -2.35
C LEU B 94 7.56 44.80 -3.74
N ASP B 95 8.83 45.03 -4.07
CA ASP B 95 9.39 44.58 -5.34
C ASP B 95 9.97 43.18 -5.17
N LEU B 96 9.27 42.19 -5.72
CA LEU B 96 9.64 40.80 -5.57
C LEU B 96 11.07 40.55 -6.08
N ASN B 97 11.44 41.22 -7.16
CA ASN B 97 12.75 41.05 -7.77
C ASN B 97 13.92 41.50 -6.87
N LYS B 98 13.62 42.33 -5.88
CA LYS B 98 14.66 42.81 -4.98
C LYS B 98 14.93 41.84 -3.83
N LEU B 99 14.10 40.82 -3.69
CA LEU B 99 14.18 39.92 -2.54
C LEU B 99 15.11 38.74 -2.75
N SER B 100 15.91 38.43 -1.75
CA SER B 100 16.73 37.22 -1.74
C SER B 100 15.80 36.01 -1.65
N PRO B 101 16.33 34.81 -1.89
CA PRO B 101 15.47 33.61 -1.77
C PRO B 101 14.82 33.48 -0.40
N SER B 102 15.56 33.77 0.67
CA SER B 102 15.02 33.70 2.02
C SER B 102 13.88 34.70 2.22
N GLN B 103 14.06 35.89 1.66
CA GLN B 103 13.04 36.93 1.75
C GLN B 103 11.82 36.54 0.91
N LYS B 104 12.07 35.84 -0.19
CA LYS B 104 10.96 35.36 -1.02
C LYS B 104 10.13 34.33 -0.27
N SER B 105 10.79 33.44 0.46
CA SER B 105 10.05 32.43 1.22
C SER B 105 9.18 33.08 2.30
N ARG B 106 9.68 34.16 2.90
CA ARG B 106 8.92 34.87 3.92
C ARG B 106 7.75 35.60 3.27
N TYR B 107 8.01 36.15 2.10
CA TYR B 107 6.96 36.74 1.27
C TYR B 107 5.82 35.75 0.98
N TYR B 108 6.15 34.55 0.51
CA TYR B 108 5.12 33.61 0.12
C TYR B 108 4.45 32.94 1.30
N GLU B 109 5.18 32.82 2.40
CA GLU B 109 4.58 32.35 3.64
C GLU B 109 3.44 33.28 4.07
N THR B 110 3.68 34.58 4.03
CA THR B 110 2.64 35.55 4.40
C THR B 110 1.45 35.43 3.46
N LEU B 111 1.73 35.31 2.17
CA LEU B 111 0.69 35.10 1.19
C LEU B 111 -0.11 33.84 1.50
N ALA B 112 0.57 32.76 1.89
CA ALA B 112 -0.10 31.51 2.23
C ALA B 112 -0.99 31.66 3.48
N ILE B 113 -0.52 32.42 4.46
CA ILE B 113 -1.27 32.64 5.70
C ILE B 113 -2.52 33.47 5.42
N VAL B 114 -2.40 34.46 4.56
CA VAL B 114 -3.57 35.26 4.17
C VAL B 114 -4.57 34.38 3.43
N ALA B 115 -4.09 33.58 2.47
CA ALA B 115 -4.95 32.65 1.75
C ALA B 115 -5.67 31.72 2.73
N GLU B 116 -4.94 31.21 3.70
CA GLU B 116 -5.51 30.29 4.69
C GLU B 116 -6.51 31.01 5.59
N ASN B 117 -6.18 32.24 6.02
CA ASN B 117 -7.14 33.06 6.76
C ASN B 117 -8.47 33.16 6.01
N ARG B 118 -8.38 33.33 4.69
CA ARG B 118 -9.57 33.53 3.87
C ARG B 118 -10.20 32.21 3.43
N LYS B 119 -9.70 31.11 3.98
CA LYS B 119 -10.25 29.78 3.72
C LYS B 119 -10.10 29.33 2.27
N ASP B 120 -9.13 29.92 1.56
CA ASP B 120 -8.81 29.50 0.20
C ASP B 120 -7.62 28.53 0.23
N MSE B 121 -7.91 27.24 0.37
N MSE B 121 -7.91 27.25 0.41
CA MSE B 121 -6.89 26.25 0.64
CA MSE B 121 -6.88 26.24 0.62
C MSE B 121 -5.97 25.99 -0.57
C MSE B 121 -5.94 26.09 -0.57
O MSE B 121 -4.78 25.74 -0.39
O MSE B 121 -4.74 25.98 -0.41
CB MSE B 121 -7.56 24.94 1.09
CB MSE B 121 -7.53 24.88 0.93
CG MSE B 121 -8.34 25.12 2.39
CG MSE B 121 -8.45 24.88 2.16
SE MSE B 121 -9.98 24.05 2.51
SE MSE B 121 -7.50 25.22 3.85
CE MSE B 121 -11.02 25.21 3.68
CE MSE B 121 -7.56 27.16 3.86
H MSE B 121 -8.70 26.93 0.32
H MSE B 121 -8.71 26.93 0.41
HA MSE B 121 -6.34 26.56 1.38
HA MSE B 121 -6.36 26.48 1.39
HB2 MSE B 121 -8.17 24.65 0.40
HB2 MSE B 121 -8.08 24.62 0.17
HB3 MSE B 121 -6.87 24.27 1.23
HB3 MSE B 121 -6.84 24.23 1.08
HG2 MSE B 121 -7.77 24.86 3.13
HG2 MSE B 121 -9.11 25.58 2.05
HG3 MSE B 121 -8.60 26.05 2.47
HG3 MSE B 121 -8.88 24.02 2.22
HE1 MSE B 121 -11.88 24.81 3.84
HE1 MSE B 121 -7.12 27.48 4.66
HE2 MSE B 121 -10.54 25.32 4.52
HE2 MSE B 121 -7.11 27.50 3.07
HE3 MSE B 121 -11.12 26.07 3.25
HE3 MSE B 121 -8.49 27.45 3.86
N ILE B 122 -6.51 26.08 -1.78
CA ILE B 122 -5.71 25.83 -2.97
C ILE B 122 -4.77 26.99 -3.23
N GLU B 123 -5.23 28.21 -2.98
CA GLU B 123 -4.34 29.36 -3.11
C GLU B 123 -3.23 29.33 -2.05
N ALA B 124 -3.53 28.78 -0.88
CA ALA B 124 -2.53 28.65 0.17
C ALA B 124 -1.48 27.61 -0.22
N VAL B 125 -1.95 26.49 -0.79
CA VAL B 125 -1.03 25.48 -1.30
C VAL B 125 -0.14 26.10 -2.37
N LYS B 126 -0.73 26.85 -3.29
CA LYS B 126 0.03 27.49 -4.36
C LYS B 126 1.13 28.37 -3.81
N ALA B 127 0.79 29.16 -2.80
CA ALA B 127 1.78 30.03 -2.16
C ALA B 127 2.89 29.22 -1.50
N ARG B 128 2.52 28.11 -0.85
CA ARG B 128 3.53 27.27 -0.20
C ARG B 128 4.42 26.51 -1.21
N ILE B 129 3.89 26.23 -2.40
CA ILE B 129 4.74 25.68 -3.45
C ILE B 129 5.82 26.70 -3.86
N GLU B 130 5.45 27.96 -4.01
CA GLU B 130 6.43 29.01 -4.29
C GLU B 130 7.41 29.17 -3.14
N MSE B 131 6.90 29.16 -1.92
CA MSE B 131 7.76 29.20 -0.75
C MSE B 131 8.84 28.11 -0.81
O MSE B 131 10.02 28.38 -0.64
CB MSE B 131 6.93 29.05 0.52
CG MSE B 131 7.72 29.17 1.80
SE MSE B 131 6.61 28.82 3.34
CE MSE B 131 7.88 29.36 4.71
H MSE B 131 6.06 29.11 -1.75
HA MSE B 131 8.20 30.07 -0.72
HB2 MSE B 131 6.24 29.74 0.53
HB3 MSE B 131 6.51 28.18 0.51
HG2 MSE B 131 8.44 28.52 1.80
HG3 MSE B 131 8.08 30.06 1.88
HE1 MSE B 131 7.48 29.25 5.58
HE2 MSE B 131 8.68 28.79 4.63
HE3 MSE B 131 8.13 30.28 4.56
N ASP B 132 8.41 26.88 -1.07
CA ASP B 132 9.32 25.73 -1.03
C ASP B 132 10.47 25.85 -2.03
N LYS B 133 10.21 26.48 -3.17
CA LYS B 133 11.26 26.77 -4.14
C LYS B 133 12.42 27.56 -3.55
N ASN B 134 12.13 28.34 -2.52
CA ASN B 134 13.10 29.27 -1.98
C ASN B 134 13.71 28.81 -0.65
N LEU B 135 13.25 27.68 -0.13
CA LEU B 135 13.79 27.15 1.11
C LEU B 135 15.04 26.31 0.83
N THR B 136 15.95 26.28 1.79
CA THR B 136 17.19 25.51 1.68
C THR B 136 17.37 24.60 2.88
N ASP B 137 16.86 25.03 4.02
CA ASP B 137 17.00 24.28 5.26
C ASP B 137 16.02 23.11 5.30
N VAL B 138 16.52 21.94 5.69
CA VAL B 138 15.72 20.73 5.71
C VAL B 138 14.52 20.83 6.64
N GLN B 139 14.71 21.46 7.79
CA GLN B 139 13.65 21.56 8.79
C GLN B 139 12.52 22.45 8.30
N ARG B 140 12.88 23.54 7.63
CA ARG B 140 11.90 24.46 7.07
C ARG B 140 11.15 23.83 5.89
N HIS B 141 11.85 22.99 5.12
CA HIS B 141 11.23 22.23 4.05
C HIS B 141 10.14 21.32 4.62
N GLN B 142 10.53 20.53 5.63
CA GLN B 142 9.63 19.55 6.24
C GLN B 142 8.38 20.20 6.81
N ASP B 143 8.54 21.33 7.49
CA ASP B 143 7.41 22.00 8.12
C ASP B 143 6.46 22.53 7.06
N ASN B 144 7.02 23.07 5.99
CA ASN B 144 6.23 23.54 4.87
C ASN B 144 5.47 22.37 4.24
N ILE B 145 6.15 21.23 4.07
CA ILE B 145 5.54 20.01 3.54
C ILE B 145 4.31 19.57 4.34
N ASP B 146 4.48 19.49 5.66
CA ASP B 146 3.41 19.05 6.54
C ASP B 146 2.24 20.04 6.55
N LYS B 147 2.55 21.33 6.53
CA LYS B 147 1.51 22.37 6.47
C LYS B 147 0.77 22.35 5.14
N THR B 148 1.49 22.10 4.04
CA THR B 148 0.83 21.98 2.75
C THR B 148 -0.09 20.76 2.72
N TRP B 149 0.40 19.66 3.26
CA TRP B 149 -0.41 18.46 3.33
C TRP B 149 -1.66 18.70 4.19
N ALA B 150 -1.49 19.40 5.31
CA ALA B 150 -2.61 19.68 6.19
C ALA B 150 -3.68 20.53 5.49
N LEU B 151 -3.25 21.51 4.70
CA LEU B 151 -4.18 22.27 3.88
C LEU B 151 -4.97 21.40 2.90
N LEU B 152 -4.28 20.50 2.23
CA LEU B 152 -4.95 19.62 1.28
C LEU B 152 -5.94 18.71 1.99
N ARG B 153 -5.56 18.23 3.16
CA ARG B 153 -6.44 17.35 3.94
C ARG B 153 -7.69 18.08 4.45
N SER B 154 -7.58 19.37 4.67
CA SER B 154 -8.70 20.14 5.23
C SER B 154 -9.71 20.50 4.15
N ALA B 155 -9.36 20.28 2.88
CA ALA B 155 -10.26 20.62 1.79
C ALA B 155 -11.26 19.50 1.54
N ASN B 156 -12.49 19.86 1.17
CA ASN B 156 -13.48 18.84 0.80
C ASN B 156 -13.14 18.26 -0.56
N THR B 157 -13.68 17.08 -0.86
CA THR B 157 -13.31 16.36 -2.06
C THR B 157 -13.70 17.09 -3.34
N GLY B 158 -14.73 17.94 -3.25
CA GLY B 158 -15.14 18.75 -4.37
C GLY B 158 -14.06 19.71 -4.82
N VAL B 159 -13.53 20.48 -3.87
CA VAL B 159 -12.43 21.40 -4.13
C VAL B 159 -11.25 20.69 -4.78
N ILE B 160 -10.87 19.54 -4.22
CA ILE B 160 -9.72 18.80 -4.73
C ILE B 160 -9.96 18.34 -6.16
N ASN B 161 -11.08 17.66 -6.39
CA ASN B 161 -11.37 17.09 -7.69
C ASN B 161 -11.69 18.15 -8.74
N ASN B 162 -12.14 19.32 -8.28
CA ASN B 162 -12.47 20.42 -9.17
C ASN B 162 -11.26 21.32 -9.42
N ALA B 163 -10.13 20.98 -8.82
CA ALA B 163 -8.93 21.80 -8.95
C ALA B 163 -8.03 21.28 -10.06
N SER B 164 -7.50 22.21 -10.86
CA SER B 164 -6.56 21.86 -11.92
C SER B 164 -5.15 22.16 -11.47
N ASP B 165 -4.18 21.47 -12.07
CA ASP B 165 -2.78 21.70 -11.75
C ASP B 165 -2.23 22.94 -12.46
N GLU B 166 -2.99 23.47 -13.41
CA GLU B 166 -2.61 24.70 -14.09
C GLU B 166 -1.23 24.63 -14.74
N GLY B 167 -0.79 23.43 -15.12
CA GLY B 167 0.53 23.25 -15.69
C GLY B 167 1.63 23.33 -14.66
N ASN B 168 1.25 23.50 -13.40
CA ASN B 168 2.18 23.52 -12.29
C ASN B 168 2.51 22.07 -11.89
N ALA B 169 3.71 21.63 -12.23
CA ALA B 169 4.12 20.24 -11.96
C ALA B 169 4.09 19.91 -10.47
N ALA B 170 4.52 20.85 -9.63
CA ALA B 170 4.48 20.64 -8.19
C ALA B 170 3.04 20.45 -7.73
N LEU B 171 2.15 21.33 -8.19
CA LEU B 171 0.76 21.26 -7.80
C LEU B 171 0.12 19.98 -8.29
N GLY B 172 0.48 19.56 -9.50
CA GLY B 172 -0.04 18.32 -10.05
C GLY B 172 0.32 17.16 -9.17
N GLY B 173 1.57 17.08 -8.74
CA GLY B 173 1.99 16.06 -7.79
C GLY B 173 1.19 16.07 -6.49
N TRP B 174 1.03 17.25 -5.89
CA TRP B 174 0.28 17.36 -4.66
C TRP B 174 -1.17 16.91 -4.81
N LEU B 175 -1.80 17.30 -5.92
CA LEU B 175 -3.20 16.96 -6.12
C LEU B 175 -3.38 15.46 -6.34
N THR B 176 -2.41 14.85 -7.02
CA THR B 176 -2.43 13.40 -7.23
C THR B 176 -2.29 12.67 -5.89
N LEU B 177 -1.46 13.21 -5.01
CA LEU B 177 -1.21 12.57 -3.72
C LEU B 177 -2.42 12.62 -2.80
N ILE B 178 -3.05 13.79 -2.67
CA ILE B 178 -4.23 13.90 -1.80
C ILE B 178 -5.40 13.10 -2.40
N LYS B 179 -5.51 13.06 -3.71
CA LYS B 179 -6.54 12.23 -4.36
C LYS B 179 -6.36 10.74 -4.05
N ALA B 180 -5.12 10.27 -4.06
CA ALA B 180 -4.85 8.88 -3.72
C ALA B 180 -5.21 8.59 -2.28
N TYR B 181 -4.90 9.53 -1.39
CA TYR B 181 -5.23 9.36 0.01
C TYR B 181 -6.75 9.26 0.18
N ASN B 182 -7.47 10.23 -0.38
CA ASN B 182 -8.92 10.27 -0.24
C ASN B 182 -9.59 9.06 -0.91
N ASP B 183 -9.01 8.57 -1.99
CA ASP B 183 -9.60 7.43 -2.69
C ASP B 183 -9.48 6.15 -1.87
N TYR B 184 -8.35 5.98 -1.18
CA TYR B 184 -8.02 4.68 -0.60
C TYR B 184 -7.79 4.67 0.90
N ILE B 185 -8.18 5.74 1.59
CA ILE B 185 -7.85 5.88 3.00
C ILE B 185 -8.28 4.68 3.84
N ARG B 186 -9.46 4.13 3.59
CA ARG B 186 -9.90 2.98 4.39
C ARG B 186 -9.62 1.64 3.71
N GLN B 187 -8.63 1.63 2.83
CA GLN B 187 -8.17 0.42 2.15
C GLN B 187 -6.66 0.31 2.29
N PRO B 188 -6.18 -0.15 3.46
CA PRO B 188 -4.76 -0.08 3.85
C PRO B 188 -3.81 -0.58 2.79
N VAL B 189 -4.09 -1.73 2.20
CA VAL B 189 -3.18 -2.35 1.25
C VAL B 189 -3.10 -1.54 -0.03
N GLN B 190 -4.25 -1.15 -0.57
CA GLN B 190 -4.27 -0.37 -1.79
C GLN B 190 -3.67 1.02 -1.53
N LEU B 191 -3.93 1.58 -0.36
CA LEU B 191 -3.40 2.90 -0.02
C LEU B 191 -1.87 2.88 -0.03
N SER B 192 -1.30 1.86 0.61
CA SER B 192 0.15 1.71 0.71
C SER B 192 0.78 1.62 -0.68
N GLN B 193 0.09 0.97 -1.60
CA GLN B 193 0.62 0.82 -2.96
C GLN B 193 0.40 2.07 -3.79
N ALA B 194 -0.68 2.79 -3.53
CA ALA B 194 -0.92 4.05 -4.22
C ALA B 194 0.17 5.06 -3.86
N LEU B 195 0.55 5.07 -2.59
CA LEU B 195 1.53 6.02 -2.10
C LEU B 195 2.91 5.68 -2.65
N GLN B 196 3.21 4.40 -2.74
CA GLN B 196 4.50 3.97 -3.28
C GLN B 196 4.56 4.22 -4.78
N SER B 197 3.45 3.98 -5.47
CA SER B 197 3.41 4.29 -6.91
C SER B 197 3.45 5.80 -7.15
N TRP B 198 2.95 6.58 -6.19
CA TRP B 198 3.06 8.03 -6.32
C TRP B 198 4.54 8.40 -6.24
N LYS B 199 5.23 7.87 -5.23
CA LYS B 199 6.66 8.14 -5.03
C LYS B 199 7.45 7.75 -6.28
N ASN B 200 7.00 6.71 -6.97
CA ASN B 200 7.65 6.24 -8.19
C ASN B 200 7.40 7.17 -9.37
N ALA B 201 6.18 7.69 -9.46
CA ALA B 201 5.82 8.60 -10.56
C ALA B 201 6.41 10.01 -10.37
N TYR B 202 6.57 10.43 -9.12
CA TYR B 202 7.02 11.79 -8.80
C TYR B 202 8.26 11.81 -7.92
N PRO B 203 9.33 11.13 -8.35
CA PRO B 203 10.49 10.89 -7.48
C PRO B 203 11.25 12.15 -7.04
N ASN B 204 11.18 13.21 -7.84
CA ASN B 204 11.86 14.46 -7.51
C ASN B 204 10.93 15.53 -6.92
N HIS B 205 9.70 15.15 -6.61
CA HIS B 205 8.75 16.06 -5.96
C HIS B 205 9.20 16.30 -4.52
N ALA B 206 8.98 17.50 -4.00
CA ALA B 206 9.45 17.84 -2.66
C ALA B 206 8.96 16.84 -1.61
N ALA B 207 7.73 16.36 -1.81
CA ALA B 207 7.12 15.45 -0.85
C ALA B 207 7.63 14.02 -1.05
N ALA B 208 8.20 13.74 -2.21
CA ALA B 208 8.75 12.41 -2.44
C ALA B 208 10.00 12.23 -1.59
N THR B 209 10.81 13.29 -1.49
CA THR B 209 12.04 13.24 -0.71
C THR B 209 11.75 13.35 0.79
N LEU B 210 10.91 14.31 1.15
CA LEU B 210 10.46 14.49 2.53
C LEU B 210 8.97 14.24 2.62
N PHE B 211 8.59 13.00 2.88
CA PHE B 211 7.19 12.58 2.89
C PHE B 211 6.44 13.23 4.06
N PRO B 212 5.15 13.57 3.87
CA PRO B 212 4.39 14.14 4.99
C PRO B 212 4.35 13.21 6.20
N LYS B 213 4.53 13.78 7.38
CA LYS B 213 4.53 13.05 8.63
C LYS B 213 3.34 12.11 8.75
N GLU B 214 2.15 12.59 8.42
CA GLU B 214 0.97 11.74 8.53
C GLU B 214 1.09 10.50 7.63
N LEU B 215 1.65 10.66 6.44
CA LEU B 215 1.71 9.53 5.51
C LEU B 215 2.76 8.51 5.93
N LEU B 216 3.82 8.96 6.61
CA LEU B 216 4.79 8.03 7.16
C LEU B 216 4.20 7.23 8.31
N THR B 217 3.36 7.89 9.12
CA THR B 217 2.68 7.23 10.22
C THR B 217 1.80 6.10 9.70
N LEU B 218 1.05 6.36 8.63
CA LEU B 218 0.17 5.36 8.06
C LEU B 218 0.93 4.15 7.54
N LEU B 219 2.00 4.39 6.79
CA LEU B 219 2.80 3.30 6.24
C LEU B 219 3.48 2.50 7.36
S SO4 C . -4.39 -21.32 -8.91
O1 SO4 C . -5.72 -20.95 -9.36
O2 SO4 C . -4.20 -22.76 -9.07
O3 SO4 C . -3.40 -20.59 -9.71
O4 SO4 C . -4.19 -20.96 -7.50
S SO4 D . -13.68 -30.00 13.52
O1 SO4 D . -14.86 -30.09 12.68
O2 SO4 D . -12.54 -30.66 12.88
O3 SO4 D . -13.35 -28.59 13.74
O4 SO4 D . -13.94 -30.66 14.79
C1 GOL E . -20.16 -8.37 -0.34
O1 GOL E . -21.46 -8.89 -0.25
C2 GOL E . -20.13 -7.00 -1.03
O2 GOL E . -18.82 -6.47 -0.93
C3 GOL E . -20.51 -7.17 -2.49
O3 GOL E . -20.30 -5.97 -3.21
H11 GOL E . -19.53 -9.06 -0.90
H12 GOL E . -19.73 -8.28 0.66
HO1 GOL E . -21.42 -9.80 0.14
H2 GOL E . -20.83 -6.35 -0.54
HO2 GOL E . -18.19 -7.08 -1.38
H31 GOL E . -21.56 -7.45 -2.56
H32 GOL E . -19.91 -7.96 -2.95
HO3 GOL E . -21.11 -5.75 -3.71
S SO4 F . -10.81 40.13 4.12
O1 SO4 F . -12.22 40.35 3.77
O2 SO4 F . -10.48 38.72 3.94
O3 SO4 F . -9.97 40.95 3.25
O4 SO4 F . -10.59 40.51 5.51
CL CL G . 10.27 55.40 7.79
C1 GOL H . 13.71 32.62 9.24
O1 GOL H . 14.03 33.74 8.45
C2 GOL H . 12.54 32.93 10.16
O2 GOL H . 11.71 33.91 9.56
C3 GOL H . 11.73 31.68 10.44
O3 GOL H . 10.84 31.91 11.51
H11 GOL H . 14.58 32.32 9.84
H12 GOL H . 13.44 31.78 8.59
HO1 GOL H . 14.83 33.54 7.91
H2 GOL H . 12.93 33.32 11.10
HO2 GOL H . 11.34 33.55 8.72
H31 GOL H . 12.41 30.86 10.70
H32 GOL H . 11.17 31.39 9.55
HO3 GOL H . 10.33 31.09 11.70
#